data_2DR5
#
_entry.id   2DR5
#
_cell.length_a   58.112
_cell.length_b   58.112
_cell.length_c   441.926
_cell.angle_alpha   90.00
_cell.angle_beta   90.00
_cell.angle_gamma   90.00
#
_symmetry.space_group_name_H-M   'P 43 21 2'
#
loop_
_entity.id
_entity.type
_entity.pdbx_description
1 polymer 'tRNA (32-MER)'
2 polymer 'CCA-adding enzyme'
3 non-polymer 'SULFATE ION'
4 water water
#
loop_
_entity_poly.entity_id
_entity_poly.type
_entity_poly.pdbx_seq_one_letter_code
_entity_poly.pdbx_strand_id
1 'polyribonucleotide' GGCCCGGGGCGGUUCGAUUCCGCCCUGGGCCA B
2 'polypeptide(L)'
;MKVEEILEKALELVIPDEEEVRKGREAEEELRRRLDELGVEYVFVGSYARNTWLKGSLEIDVFLLFPEEFSKEELRERGL
EIGKAVLDSYEIRYAEHPYVHGVVKGVEVDVVPCYKLKEPKNIKSAVDRTPFHHKWLEGRIKGKENEVRLLKGFLKANGI
YGAEYKVRGFSGYLCELLIVFYGSFLETVKNARRWTRRTVIDVAKGEVRKGEEFFVVDPVDEKRNVAANLSLDNLARFVH
LCREFMEAPSLGFFKPKHPLEIEPERLRKIVEERGTAVFAVKFRKPDIVDDNLYPQLERASRKIFEFLERENFMPLRSAF
KASEEFCYLLFECQIKEISRVFRRMGPQFEDERNVKKFLSRNRAFRPFIENGRWWAFEMRKFTTPEEGVRSYASTHWHTL
GKNVGESIREYFEIISGEKLFKEPVTAELCEMMGVKD
;
A
#
loop_
_chem_comp.id
_chem_comp.type
_chem_comp.name
_chem_comp.formula
A RNA linking ADENOSINE-5'-MONOPHOSPHATE 'C10 H14 N5 O7 P'
C RNA linking CYTIDINE-5'-MONOPHOSPHATE 'C9 H14 N3 O8 P'
G RNA linking GUANOSINE-5'-MONOPHOSPHATE 'C10 H14 N5 O8 P'
SO4 non-polymer 'SULFATE ION' 'O4 S -2'
U RNA linking URIDINE-5'-MONOPHOSPHATE 'C9 H13 N2 O9 P'
#
# COMPACT_ATOMS: atom_id res chain seq x y z
N MET B 1 12.70 9.85 -27.34
CA MET B 1 12.93 11.20 -27.95
C MET B 1 13.28 12.22 -26.88
N LYS B 2 12.84 13.47 -27.07
CA LYS B 2 13.09 14.52 -26.10
C LYS B 2 11.86 14.67 -25.19
N VAL B 3 12.13 14.97 -23.93
CA VAL B 3 11.10 15.13 -22.90
C VAL B 3 9.82 15.81 -23.41
N GLU B 4 9.88 17.11 -23.62
CA GLU B 4 8.73 17.89 -24.08
C GLU B 4 7.84 17.16 -25.10
N GLU B 5 8.47 16.47 -26.06
CA GLU B 5 7.70 15.75 -27.08
C GLU B 5 6.88 14.61 -26.46
N ILE B 6 7.48 13.93 -25.49
CA ILE B 6 6.82 12.81 -24.81
C ILE B 6 5.65 13.30 -23.97
N LEU B 7 5.87 14.36 -23.20
CA LEU B 7 4.83 14.92 -22.34
C LEU B 7 3.62 15.35 -23.15
N GLU B 8 3.85 15.89 -24.35
CA GLU B 8 2.75 16.34 -25.19
C GLU B 8 1.83 15.17 -25.52
N LYS B 9 2.41 14.08 -26.00
CA LYS B 9 1.64 12.90 -26.37
C LYS B 9 1.04 12.20 -25.16
N ALA B 10 1.73 12.27 -24.02
CA ALA B 10 1.25 11.62 -22.80
C ALA B 10 -0.07 12.22 -22.32
N LEU B 11 -0.22 13.53 -22.49
CA LEU B 11 -1.45 14.20 -22.08
C LEU B 11 -2.68 13.47 -22.57
N GLU B 12 -2.55 12.84 -23.74
CA GLU B 12 -3.67 12.12 -24.33
C GLU B 12 -4.04 10.89 -23.53
N LEU B 13 -3.19 10.56 -22.57
CA LEU B 13 -3.43 9.39 -21.72
C LEU B 13 -3.93 9.77 -20.33
N VAL B 14 -3.77 11.04 -19.95
CA VAL B 14 -4.22 11.44 -18.62
C VAL B 14 -5.26 12.55 -18.59
N ILE B 15 -5.57 13.13 -19.74
CA ILE B 15 -6.57 14.18 -19.79
C ILE B 15 -7.90 13.62 -20.28
N PRO B 16 -8.98 13.85 -19.52
CA PRO B 16 -10.31 13.35 -19.88
C PRO B 16 -10.77 14.07 -21.15
N ASP B 17 -11.44 13.35 -22.07
CA ASP B 17 -11.90 13.98 -23.31
C ASP B 17 -13.26 14.68 -23.14
N GLU B 18 -13.64 15.43 -24.17
CA GLU B 18 -14.89 16.18 -24.17
C GLU B 18 -16.03 15.35 -23.59
N GLU B 19 -16.20 14.12 -24.11
CA GLU B 19 -17.23 13.20 -23.65
C GLU B 19 -17.23 13.00 -22.14
N GLU B 20 -16.18 12.37 -21.62
CA GLU B 20 -16.08 12.11 -20.19
C GLU B 20 -16.26 13.40 -19.39
N VAL B 21 -15.80 14.51 -19.93
CA VAL B 21 -15.94 15.78 -19.23
C VAL B 21 -17.39 16.23 -19.21
N ARG B 22 -18.03 16.20 -20.39
CA ARG B 22 -19.43 16.60 -20.50
C ARG B 22 -20.26 15.70 -19.60
N LYS B 23 -20.05 14.39 -19.75
CA LYS B 23 -20.76 13.41 -18.94
C LYS B 23 -20.65 13.78 -17.46
N GLY B 24 -19.48 14.26 -17.07
CA GLY B 24 -19.28 14.64 -15.69
C GLY B 24 -19.95 15.96 -15.37
N ARG B 25 -20.02 16.84 -16.37
CA ARG B 25 -20.62 18.15 -16.19
C ARG B 25 -22.13 18.07 -15.94
N GLU B 26 -22.80 17.34 -16.81
CA GLU B 26 -24.26 17.19 -16.71
C GLU B 26 -24.63 16.43 -15.42
N ALA B 27 -23.73 15.55 -14.98
CA ALA B 27 -23.94 14.78 -13.77
C ALA B 27 -23.75 15.74 -12.61
N GLU B 28 -22.73 16.58 -12.70
CA GLU B 28 -22.45 17.57 -11.66
C GLU B 28 -23.63 18.52 -11.53
N GLU B 29 -24.18 18.96 -12.66
CA GLU B 29 -25.30 19.88 -12.66
C GLU B 29 -26.52 19.29 -11.94
N GLU B 30 -27.01 18.15 -12.46
CA GLU B 30 -28.17 17.48 -11.88
C GLU B 30 -28.05 17.30 -10.36
N LEU B 31 -26.85 16.95 -9.93
CA LEU B 31 -26.56 16.71 -8.53
C LEU B 31 -26.79 17.96 -7.67
N ARG B 32 -26.50 19.13 -8.24
CA ARG B 32 -26.67 20.38 -7.51
C ARG B 32 -28.15 20.70 -7.38
N ARG B 33 -28.90 20.42 -8.44
CA ARG B 33 -30.34 20.68 -8.44
C ARG B 33 -31.02 19.90 -7.33
N ARG B 34 -30.91 18.58 -7.40
CA ARG B 34 -31.50 17.69 -6.40
C ARG B 34 -31.13 18.13 -4.99
N LEU B 35 -29.88 18.53 -4.82
CA LEU B 35 -29.40 19.00 -3.52
C LEU B 35 -30.04 20.30 -3.08
N ASP B 36 -30.37 21.16 -4.05
CA ASP B 36 -30.97 22.45 -3.74
C ASP B 36 -32.49 22.36 -3.62
N GLU B 37 -33.09 21.40 -4.32
CA GLU B 37 -34.54 21.19 -4.25
C GLU B 37 -34.82 20.77 -2.80
N LEU B 38 -33.78 20.35 -2.09
CA LEU B 38 -33.90 19.94 -0.70
C LEU B 38 -33.24 21.00 0.18
N GLY B 39 -32.66 22.00 -0.46
CA GLY B 39 -32.01 23.10 0.24
C GLY B 39 -30.92 22.67 1.21
N VAL B 40 -30.03 21.80 0.75
CA VAL B 40 -28.93 21.29 1.58
C VAL B 40 -27.65 22.09 1.44
N GLU B 41 -26.94 22.28 2.55
CA GLU B 41 -25.66 22.99 2.51
C GLU B 41 -24.56 22.01 2.07
N TYR B 42 -24.14 22.14 0.82
CA TYR B 42 -23.10 21.25 0.26
C TYR B 42 -21.88 21.97 -0.35
N VAL B 43 -20.82 21.20 -0.56
CA VAL B 43 -19.63 21.77 -1.18
C VAL B 43 -18.85 20.74 -1.99
N PHE B 44 -18.93 20.80 -3.31
CA PHE B 44 -18.18 19.87 -4.16
C PHE B 44 -16.69 20.07 -3.93
N VAL B 45 -16.00 18.99 -3.59
CA VAL B 45 -14.57 19.07 -3.38
C VAL B 45 -13.87 17.97 -4.14
N GLY B 46 -12.60 17.74 -3.77
CA GLY B 46 -11.81 16.69 -4.38
C GLY B 46 -11.48 16.90 -5.84
N SER B 47 -10.73 15.97 -6.37
CA SER B 47 -10.28 16.00 -7.75
C SER B 47 -11.28 16.50 -8.80
N TYR B 48 -12.56 16.21 -8.63
CA TYR B 48 -13.52 16.68 -9.63
C TYR B 48 -13.73 18.19 -9.59
N ALA B 49 -13.94 18.73 -8.40
CA ALA B 49 -14.16 20.15 -8.29
C ALA B 49 -13.02 20.90 -8.98
N ARG B 50 -11.80 20.65 -8.53
CA ARG B 50 -10.60 21.30 -9.05
C ARG B 50 -10.07 20.82 -10.40
N ASN B 51 -10.88 20.08 -11.15
CA ASN B 51 -10.48 19.58 -12.46
C ASN B 51 -9.12 18.92 -12.55
N THR B 52 -8.81 18.02 -11.65
CA THR B 52 -7.54 17.32 -11.69
C THR B 52 -7.75 15.82 -11.48
N TRP B 53 -8.67 15.22 -12.22
CA TRP B 53 -8.92 13.80 -12.08
C TRP B 53 -8.30 13.06 -13.24
N LEU B 54 -7.55 12.01 -12.92
CA LEU B 54 -6.90 11.21 -13.94
C LEU B 54 -7.98 10.68 -14.89
N LYS B 55 -7.68 10.75 -16.18
CA LYS B 55 -8.60 10.29 -17.22
C LYS B 55 -9.21 8.94 -16.85
N GLY B 56 -10.52 8.82 -17.08
CA GLY B 56 -11.20 7.57 -16.77
C GLY B 56 -11.39 7.26 -15.30
N SER B 57 -11.26 8.28 -14.44
CA SER B 57 -11.43 8.08 -13.00
C SER B 57 -12.41 9.09 -12.44
N LEU B 58 -13.40 9.47 -13.26
CA LEU B 58 -14.42 10.42 -12.87
C LEU B 58 -15.18 10.01 -11.63
N GLU B 59 -15.36 10.97 -10.72
CA GLU B 59 -16.08 10.70 -9.48
C GLU B 59 -16.27 12.02 -8.76
N ILE B 60 -17.53 12.35 -8.52
CA ILE B 60 -17.91 13.58 -7.84
C ILE B 60 -17.95 13.37 -6.33
N ASP B 61 -17.20 14.17 -5.60
CA ASP B 61 -17.17 14.09 -4.14
C ASP B 61 -17.98 15.27 -3.67
N VAL B 62 -18.84 15.04 -2.69
CA VAL B 62 -19.71 16.08 -2.18
C VAL B 62 -19.79 16.05 -0.67
N PHE B 63 -19.19 17.02 0.00
CA PHE B 63 -19.22 17.05 1.45
C PHE B 63 -20.37 17.91 1.97
N LEU B 64 -21.12 17.36 2.93
CA LEU B 64 -22.25 18.05 3.52
C LEU B 64 -21.79 18.77 4.78
N LEU B 65 -22.16 20.04 4.89
CA LEU B 65 -21.78 20.87 6.02
C LEU B 65 -22.84 21.01 7.11
N PHE B 66 -22.58 20.39 8.26
CA PHE B 66 -23.49 20.45 9.41
C PHE B 66 -22.88 21.31 10.53
N PRO B 67 -23.72 21.98 11.32
CA PRO B 67 -23.19 22.80 12.41
C PRO B 67 -22.31 22.02 13.38
N GLU B 68 -21.29 22.70 13.91
CA GLU B 68 -20.37 22.07 14.84
C GLU B 68 -21.10 21.35 15.98
N GLU B 69 -22.16 21.96 16.51
CA GLU B 69 -22.89 21.36 17.63
C GLU B 69 -23.61 20.03 17.36
N PHE B 70 -23.99 19.80 16.11
CA PHE B 70 -24.66 18.55 15.75
C PHE B 70 -23.87 17.35 16.23
N SER B 71 -24.60 16.31 16.63
CA SER B 71 -23.99 15.09 17.15
C SER B 71 -23.39 14.28 16.02
N LYS B 72 -22.60 13.28 16.40
CA LYS B 72 -21.95 12.39 15.44
C LYS B 72 -23.01 11.60 14.72
N GLU B 73 -23.91 11.00 15.48
CA GLU B 73 -24.99 10.21 14.89
C GLU B 73 -25.94 11.05 14.03
N GLU B 74 -26.20 12.28 14.45
CA GLU B 74 -27.09 13.18 13.71
C GLU B 74 -26.56 13.35 12.29
N LEU B 75 -25.24 13.52 12.18
CA LEU B 75 -24.61 13.68 10.87
C LEU B 75 -24.78 12.42 10.01
N ARG B 76 -24.74 11.25 10.66
CA ARG B 76 -24.88 9.97 9.98
C ARG B 76 -26.33 9.75 9.52
N GLU B 77 -27.29 9.91 10.43
CA GLU B 77 -28.71 9.72 10.08
C GLU B 77 -29.13 10.66 8.96
N ARG B 78 -28.93 11.96 9.16
CA ARG B 78 -29.29 12.93 8.13
C ARG B 78 -28.45 12.78 6.86
N GLY B 79 -27.16 12.50 7.03
CA GLY B 79 -26.29 12.32 5.89
C GLY B 79 -26.82 11.21 5.00
N LEU B 80 -27.18 10.09 5.62
CA LEU B 80 -27.72 8.92 4.92
C LEU B 80 -29.01 9.29 4.18
N GLU B 81 -29.91 9.99 4.87
CA GLU B 81 -31.19 10.38 4.31
C GLU B 81 -31.04 11.17 3.01
N ILE B 82 -30.19 12.20 3.06
CA ILE B 82 -29.94 13.05 1.90
C ILE B 82 -29.26 12.25 0.78
N GLY B 83 -28.28 11.44 1.13
CA GLY B 83 -27.61 10.66 0.12
C GLY B 83 -28.59 9.71 -0.53
N LYS B 84 -29.49 9.15 0.28
CA LYS B 84 -30.48 8.20 -0.21
C LYS B 84 -31.40 8.89 -1.22
N ALA B 85 -31.93 10.04 -0.81
CA ALA B 85 -32.85 10.83 -1.63
C ALA B 85 -32.26 11.35 -2.95
N VAL B 86 -31.01 11.78 -2.92
CA VAL B 86 -30.33 12.36 -4.08
C VAL B 86 -29.70 11.42 -5.11
N LEU B 87 -29.35 10.21 -4.72
CA LEU B 87 -28.72 9.28 -5.66
C LEU B 87 -29.69 8.31 -6.34
N ASP B 88 -29.45 8.12 -7.64
CA ASP B 88 -30.24 7.19 -8.44
C ASP B 88 -30.27 5.86 -7.68
N SER B 89 -29.08 5.37 -7.35
CA SER B 89 -28.91 4.11 -6.59
C SER B 89 -27.80 4.33 -5.58
N TYR B 90 -28.06 4.06 -4.31
CA TYR B 90 -27.04 4.25 -3.29
C TYR B 90 -26.36 2.95 -2.86
N GLU B 91 -25.56 3.02 -1.79
CA GLU B 91 -24.83 1.85 -1.30
C GLU B 91 -23.86 2.24 -0.17
N ILE B 92 -24.36 2.32 1.06
CA ILE B 92 -23.52 2.71 2.20
C ILE B 92 -22.09 2.16 2.18
N ARG B 93 -21.15 2.94 2.69
CA ARG B 93 -19.74 2.55 2.74
C ARG B 93 -19.09 3.05 4.03
N TYR B 94 -17.86 2.60 4.30
CA TYR B 94 -17.20 3.01 5.54
C TYR B 94 -15.74 3.41 5.44
N ALA B 95 -15.34 4.27 6.38
CA ALA B 95 -13.99 4.80 6.51
C ALA B 95 -14.05 5.77 7.70
N GLU B 96 -13.72 5.26 8.88
CA GLU B 96 -13.75 6.05 10.12
C GLU B 96 -15.18 6.40 10.51
N HIS B 97 -15.99 6.78 9.52
CA HIS B 97 -17.40 7.12 9.76
C HIS B 97 -18.14 6.71 8.50
N PRO B 98 -19.40 6.29 8.64
CA PRO B 98 -20.19 5.86 7.48
C PRO B 98 -20.36 7.02 6.50
N TYR B 99 -20.67 6.69 5.26
CA TYR B 99 -20.89 7.70 4.23
C TYR B 99 -21.69 7.06 3.10
N VAL B 100 -22.32 7.85 2.24
CA VAL B 100 -23.11 7.27 1.17
C VAL B 100 -22.47 7.45 -0.20
N HIS B 101 -22.48 6.37 -0.99
CA HIS B 101 -21.89 6.40 -2.31
C HIS B 101 -22.87 5.85 -3.35
N GLY B 102 -22.80 6.34 -4.58
CA GLY B 102 -23.71 5.85 -5.61
C GLY B 102 -23.47 6.43 -7.00
N VAL B 103 -24.53 6.50 -7.79
CA VAL B 103 -24.44 7.03 -9.15
C VAL B 103 -25.52 8.06 -9.50
N VAL B 104 -25.17 9.02 -10.35
CA VAL B 104 -26.12 10.04 -10.79
C VAL B 104 -25.88 10.21 -12.29
N LYS B 105 -26.96 10.25 -13.06
CA LYS B 105 -26.88 10.39 -14.50
C LYS B 105 -25.64 9.66 -15.06
N GLY B 106 -25.32 8.52 -14.44
CA GLY B 106 -24.20 7.70 -14.89
C GLY B 106 -22.78 7.91 -14.37
N VAL B 107 -22.59 8.61 -13.25
CA VAL B 107 -21.24 8.84 -12.73
C VAL B 107 -21.11 8.55 -11.24
N GLU B 108 -19.87 8.22 -10.84
CA GLU B 108 -19.55 7.89 -9.45
C GLU B 108 -19.69 9.07 -8.50
N VAL B 109 -20.46 8.89 -7.43
CA VAL B 109 -20.66 9.97 -6.48
C VAL B 109 -20.42 9.53 -5.04
N ASP B 110 -19.83 10.42 -4.25
CA ASP B 110 -19.60 10.16 -2.84
C ASP B 110 -20.32 11.28 -2.14
N VAL B 111 -21.09 10.95 -1.10
CA VAL B 111 -21.80 11.97 -0.34
C VAL B 111 -21.32 11.75 1.09
N VAL B 112 -20.49 12.66 1.58
CA VAL B 112 -19.89 12.52 2.91
C VAL B 112 -20.28 13.62 3.89
N PRO B 113 -20.63 13.24 5.13
CA PRO B 113 -20.98 14.28 6.09
C PRO B 113 -19.71 14.80 6.74
N CYS B 114 -19.74 16.08 7.15
CA CYS B 114 -18.60 16.71 7.83
C CYS B 114 -19.08 18.00 8.49
N TYR B 115 -18.32 18.46 9.48
CA TYR B 115 -18.67 19.67 10.22
C TYR B 115 -18.21 20.99 9.58
N LYS B 116 -19.17 21.85 9.24
CA LYS B 116 -18.81 23.16 8.69
C LYS B 116 -18.01 23.85 9.80
N LEU B 117 -16.72 24.08 9.55
CA LEU B 117 -15.87 24.68 10.56
C LEU B 117 -15.06 25.92 10.15
N LYS B 118 -14.55 26.61 11.17
CA LYS B 118 -13.71 27.77 11.00
C LYS B 118 -12.57 27.57 12.00
N GLU B 119 -11.36 27.37 11.46
CA GLU B 119 -10.17 27.13 12.26
C GLU B 119 -9.87 25.63 12.23
N PRO B 120 -8.93 25.23 11.36
CA PRO B 120 -8.49 23.85 11.15
C PRO B 120 -8.18 23.08 12.44
N LYS B 121 -8.05 23.79 13.56
CA LYS B 121 -7.73 23.12 14.81
C LYS B 121 -8.92 22.47 15.50
N ASN B 122 -10.14 22.93 15.19
CA ASN B 122 -11.35 22.37 15.79
C ASN B 122 -11.72 21.02 15.18
N ILE B 123 -10.99 20.62 14.15
CA ILE B 123 -11.23 19.36 13.45
C ILE B 123 -11.32 18.13 14.35
N LYS B 124 -12.33 17.30 14.05
CA LYS B 124 -12.60 16.09 14.81
C LYS B 124 -12.42 14.81 13.99
N SER B 125 -12.25 14.94 12.68
CA SER B 125 -12.08 13.77 11.81
C SER B 125 -11.59 14.04 10.40
N ALA B 126 -10.96 13.04 9.79
CA ALA B 126 -10.45 13.15 8.43
C ALA B 126 -11.32 14.06 7.57
N VAL B 127 -12.56 13.64 7.36
CA VAL B 127 -13.50 14.38 6.54
C VAL B 127 -13.63 15.87 6.85
N ASP B 128 -13.30 16.29 8.09
CA ASP B 128 -13.42 17.70 8.42
C ASP B 128 -12.35 18.58 7.77
N ARG B 129 -11.13 18.08 7.60
CA ARG B 129 -10.12 18.91 6.97
C ARG B 129 -10.17 18.82 5.45
N THR B 130 -10.96 17.92 4.92
CA THR B 130 -11.04 17.83 3.46
C THR B 130 -11.47 19.18 2.91
N PRO B 131 -12.53 19.80 3.47
CA PRO B 131 -12.95 21.11 2.96
C PRO B 131 -11.79 22.11 2.97
N PHE B 132 -11.03 22.15 4.07
CA PHE B 132 -9.88 23.04 4.18
C PHE B 132 -8.83 22.79 3.10
N HIS B 133 -8.42 21.55 2.92
CA HIS B 133 -7.43 21.27 1.90
C HIS B 133 -7.96 21.84 0.58
N HIS B 134 -9.21 21.54 0.28
CA HIS B 134 -9.81 22.01 -0.96
C HIS B 134 -9.66 23.52 -1.07
N LYS B 135 -9.91 24.18 0.05
CA LYS B 135 -9.83 25.63 0.12
C LYS B 135 -8.44 26.08 -0.30
N TRP B 136 -7.46 25.69 0.51
CA TRP B 136 -6.08 26.04 0.28
C TRP B 136 -5.64 25.77 -1.15
N LEU B 137 -6.17 24.69 -1.72
CA LEU B 137 -5.79 24.25 -3.05
C LEU B 137 -6.43 24.86 -4.30
N GLU B 138 -7.70 25.23 -4.22
CA GLU B 138 -8.36 25.74 -5.41
C GLU B 138 -7.74 27.00 -6.01
N GLY B 139 -7.27 27.90 -5.15
CA GLY B 139 -6.68 29.11 -5.66
C GLY B 139 -5.30 28.88 -6.24
N ARG B 140 -4.54 27.99 -5.62
CA ARG B 140 -3.18 27.71 -6.04
C ARG B 140 -2.94 26.66 -7.09
N ILE B 141 -3.95 25.90 -7.48
CA ILE B 141 -3.72 24.86 -8.48
C ILE B 141 -4.33 25.18 -9.83
N LYS B 142 -4.98 26.33 -9.95
CA LYS B 142 -5.62 26.68 -11.21
C LYS B 142 -4.59 26.93 -12.32
N GLY B 143 -4.85 26.37 -13.49
CA GLY B 143 -3.94 26.54 -14.61
C GLY B 143 -2.82 25.51 -14.66
N LYS B 144 -2.82 24.58 -13.70
CA LYS B 144 -1.81 23.54 -13.65
C LYS B 144 -2.45 22.15 -13.59
N GLU B 145 -3.77 22.11 -13.68
CA GLU B 145 -4.50 20.86 -13.63
C GLU B 145 -3.84 19.77 -14.46
N ASN B 146 -3.43 20.12 -15.68
CA ASN B 146 -2.80 19.16 -16.57
C ASN B 146 -1.46 18.63 -16.06
N GLU B 147 -0.78 19.40 -15.22
CA GLU B 147 0.49 18.93 -14.67
C GLU B 147 0.20 17.93 -13.55
N VAL B 148 -0.95 18.10 -12.89
CA VAL B 148 -1.38 17.22 -11.81
C VAL B 148 -1.68 15.82 -12.36
N ARG B 149 -2.27 15.78 -13.55
CA ARG B 149 -2.63 14.51 -14.18
C ARG B 149 -1.42 13.77 -14.72
N LEU B 150 -0.46 14.49 -15.27
CA LEU B 150 0.71 13.82 -15.78
C LEU B 150 1.33 13.08 -14.60
N LEU B 151 1.49 13.78 -13.49
CA LEU B 151 2.07 13.17 -12.31
C LEU B 151 1.24 11.98 -11.82
N LYS B 152 -0.09 12.11 -11.85
CA LYS B 152 -0.96 11.02 -11.41
C LYS B 152 -0.87 9.88 -12.44
N GLY B 153 -0.91 10.25 -13.72
CA GLY B 153 -0.82 9.27 -14.76
C GLY B 153 0.50 8.51 -14.70
N PHE B 154 1.54 9.20 -14.23
CA PHE B 154 2.88 8.64 -14.10
C PHE B 154 2.92 7.61 -12.97
N LEU B 155 2.49 8.06 -11.79
CA LEU B 155 2.46 7.22 -10.61
C LEU B 155 1.57 5.97 -10.71
N LYS B 156 0.38 6.12 -11.30
CA LYS B 156 -0.52 4.99 -11.44
C LYS B 156 0.03 3.92 -12.37
N ALA B 157 0.65 4.35 -13.47
CA ALA B 157 1.22 3.40 -14.42
C ALA B 157 2.30 2.54 -13.74
N ASN B 158 3.03 3.14 -12.82
CA ASN B 158 4.06 2.38 -12.14
C ASN B 158 3.58 1.90 -10.78
N GLY B 159 2.29 1.56 -10.74
CA GLY B 159 1.63 1.03 -9.56
C GLY B 159 1.92 1.56 -8.18
N ILE B 160 1.94 2.88 -8.04
CA ILE B 160 2.20 3.47 -6.73
C ILE B 160 1.42 4.76 -6.56
N TYR B 161 0.29 4.87 -7.26
CA TYR B 161 -0.50 6.09 -7.12
C TYR B 161 -1.20 6.19 -5.78
N GLY B 162 -2.33 5.51 -5.59
CA GLY B 162 -3.05 5.61 -4.33
C GLY B 162 -2.29 5.58 -3.00
N ALA B 163 -2.92 6.11 -1.95
CA ALA B 163 -2.31 6.12 -0.62
C ALA B 163 -2.90 5.09 0.35
N GLU B 164 -3.79 4.22 -0.15
CA GLU B 164 -4.37 3.17 0.68
C GLU B 164 -3.29 2.13 0.97
N TYR B 165 -3.49 1.37 2.04
CA TYR B 165 -2.55 0.35 2.46
C TYR B 165 -2.17 -0.71 1.43
N LYS B 166 -3.02 -0.92 0.44
CA LYS B 166 -2.72 -1.91 -0.58
C LYS B 166 -1.63 -1.40 -1.54
N VAL B 167 -1.36 -0.09 -1.51
CA VAL B 167 -0.37 0.51 -2.40
C VAL B 167 0.72 1.26 -1.68
N ARG B 168 0.38 1.96 -0.61
CA ARG B 168 1.37 2.75 0.13
C ARG B 168 2.11 3.70 -0.83
N GLY B 169 1.33 4.43 -1.62
CA GLY B 169 1.89 5.37 -2.58
C GLY B 169 1.64 6.83 -2.27
N PHE B 170 1.28 7.60 -3.29
CA PHE B 170 1.01 9.04 -3.18
C PHE B 170 -0.48 9.38 -3.29
N SER B 171 -1.05 10.03 -2.30
CA SER B 171 -2.46 10.39 -2.40
C SER B 171 -2.61 11.54 -3.41
N GLY B 172 -3.83 11.74 -3.91
CA GLY B 172 -4.06 12.80 -4.87
C GLY B 172 -3.72 14.15 -4.28
N TYR B 173 -4.05 14.35 -3.02
CA TYR B 173 -3.75 15.62 -2.36
C TYR B 173 -2.25 15.83 -2.42
N LEU B 174 -1.50 14.78 -2.12
CA LEU B 174 -0.04 14.90 -2.17
C LEU B 174 0.42 15.34 -3.55
N CYS B 175 -0.18 14.77 -4.59
CA CYS B 175 0.21 15.14 -5.95
C CYS B 175 0.00 16.62 -6.21
N GLU B 176 -1.14 17.15 -5.79
CA GLU B 176 -1.36 18.55 -6.02
C GLU B 176 -0.40 19.39 -5.19
N LEU B 177 -0.18 19.03 -3.92
CA LEU B 177 0.76 19.83 -3.15
C LEU B 177 2.10 19.84 -3.87
N LEU B 178 2.49 18.72 -4.48
CA LEU B 178 3.78 18.67 -5.15
C LEU B 178 3.83 19.56 -6.38
N ILE B 179 2.69 19.76 -7.03
CA ILE B 179 2.66 20.61 -8.21
C ILE B 179 2.74 22.08 -7.78
N VAL B 180 1.93 22.43 -6.79
CA VAL B 180 1.94 23.79 -6.27
C VAL B 180 3.36 24.19 -5.84
N PHE B 181 4.10 23.24 -5.29
CA PHE B 181 5.46 23.49 -4.81
C PHE B 181 6.51 23.57 -5.90
N TYR B 182 6.42 22.67 -6.89
CA TYR B 182 7.40 22.64 -7.98
C TYR B 182 7.00 23.32 -9.26
N GLY B 183 5.70 23.56 -9.46
CA GLY B 183 5.24 24.23 -10.66
C GLY B 183 4.76 23.37 -11.81
N SER B 184 5.34 22.20 -11.98
CA SER B 184 4.93 21.33 -13.08
C SER B 184 5.45 19.91 -12.88
N PHE B 185 4.99 19.00 -13.74
CA PHE B 185 5.39 17.61 -13.66
C PHE B 185 6.91 17.46 -13.83
N LEU B 186 7.43 18.04 -14.90
CA LEU B 186 8.84 17.95 -15.17
C LEU B 186 9.68 18.43 -13.99
N GLU B 187 9.35 19.60 -13.45
CA GLU B 187 10.12 20.10 -12.31
C GLU B 187 10.01 19.17 -11.11
N THR B 188 8.87 18.51 -10.97
CA THR B 188 8.64 17.60 -9.86
C THR B 188 9.52 16.38 -10.03
N VAL B 189 9.57 15.86 -11.25
CA VAL B 189 10.38 14.69 -11.59
C VAL B 189 11.87 15.02 -11.51
N LYS B 190 12.24 16.23 -11.93
CA LYS B 190 13.64 16.65 -11.90
C LYS B 190 14.17 16.78 -10.48
N ASN B 191 13.40 17.42 -9.61
CA ASN B 191 13.83 17.58 -8.23
C ASN B 191 13.72 16.31 -7.40
N ALA B 192 12.74 15.47 -7.72
CA ALA B 192 12.56 14.22 -6.98
C ALA B 192 13.84 13.38 -7.05
N ARG B 193 14.62 13.56 -8.11
CA ARG B 193 15.87 12.82 -8.25
C ARG B 193 16.83 13.02 -7.09
N ARG B 194 16.74 14.17 -6.43
CA ARG B 194 17.62 14.45 -5.32
C ARG B 194 16.94 14.21 -3.97
N TRP B 195 15.75 13.60 -3.98
CA TRP B 195 15.04 13.32 -2.73
C TRP B 195 15.77 12.21 -1.94
N THR B 196 15.71 12.27 -0.61
CA THR B 196 16.29 11.23 0.24
C THR B 196 15.22 10.80 1.24
N ARG B 197 15.53 9.76 2.03
CA ARG B 197 14.58 9.28 3.03
C ARG B 197 14.46 10.26 4.21
N ARG B 198 15.31 11.28 4.23
CA ARG B 198 15.26 12.29 5.29
C ARG B 198 14.88 13.66 4.73
N THR B 199 14.19 13.68 3.59
CA THR B 199 13.79 14.94 2.98
C THR B 199 12.43 15.45 3.44
N VAL B 200 12.39 16.73 3.82
CA VAL B 200 11.16 17.36 4.28
C VAL B 200 10.74 18.49 3.34
N ILE B 201 9.58 18.33 2.73
CA ILE B 201 9.07 19.33 1.81
C ILE B 201 7.95 20.11 2.48
N ASP B 202 8.21 21.39 2.75
CA ASP B 202 7.22 22.25 3.39
C ASP B 202 6.76 23.31 2.39
N VAL B 203 5.54 23.19 1.89
CA VAL B 203 5.03 24.15 0.93
C VAL B 203 4.60 25.45 1.57
N ALA B 204 4.04 25.38 2.76
CA ALA B 204 3.61 26.59 3.44
C ALA B 204 4.77 27.57 3.58
N LYS B 205 5.94 27.06 3.95
CA LYS B 205 7.11 27.92 4.08
C LYS B 205 7.87 27.93 2.75
N GLY B 206 7.40 27.13 1.80
CA GLY B 206 8.04 27.06 0.49
C GLY B 206 9.49 26.64 0.66
N GLU B 207 9.72 25.65 1.51
CA GLU B 207 11.07 25.21 1.80
C GLU B 207 11.30 23.71 1.83
N VAL B 208 12.52 23.34 1.45
CA VAL B 208 12.97 21.94 1.45
C VAL B 208 14.11 21.88 2.46
N ARG B 209 13.98 21.01 3.45
CA ARG B 209 15.03 20.87 4.44
C ARG B 209 15.29 19.39 4.76
N LYS B 210 16.32 19.15 5.57
CA LYS B 210 16.69 17.79 5.97
C LYS B 210 16.03 17.48 7.30
N GLY B 211 15.26 16.40 7.34
CA GLY B 211 14.58 16.06 8.57
C GLY B 211 14.80 14.64 9.05
N GLU B 212 13.89 14.20 9.91
CA GLU B 212 13.95 12.87 10.50
C GLU B 212 13.42 11.78 9.56
N GLU B 213 12.64 12.16 8.56
CA GLU B 213 12.04 11.20 7.63
C GLU B 213 11.34 11.92 6.49
N PHE B 214 10.93 11.21 5.44
CA PHE B 214 10.25 11.91 4.34
C PHE B 214 8.98 12.55 4.91
N PHE B 215 8.94 13.88 4.84
CA PHE B 215 7.81 14.60 5.40
C PHE B 215 7.35 15.75 4.51
N VAL B 216 6.14 15.65 4.02
CA VAL B 216 5.55 16.71 3.20
C VAL B 216 4.52 17.30 4.17
N VAL B 217 4.85 18.42 4.81
CA VAL B 217 3.94 19.01 5.78
C VAL B 217 2.73 19.71 5.18
N ASP B 218 1.57 19.30 5.68
CA ASP B 218 0.28 19.82 5.26
C ASP B 218 0.15 21.35 5.41
N PRO B 219 -0.15 22.06 4.31
CA PRO B 219 -0.31 23.52 4.35
C PRO B 219 -1.33 23.92 5.43
N VAL B 220 -2.30 23.04 5.69
CA VAL B 220 -3.33 23.31 6.67
C VAL B 220 -2.95 22.91 8.10
N ASP B 221 -1.96 22.03 8.25
CA ASP B 221 -1.57 21.56 9.59
C ASP B 221 -0.11 21.09 9.64
N GLU B 222 0.79 21.98 10.06
CA GLU B 222 2.21 21.68 10.14
C GLU B 222 2.54 20.37 10.89
N LYS B 223 1.53 19.72 11.48
CA LYS B 223 1.79 18.49 12.21
C LYS B 223 1.48 17.23 11.38
N ARG B 224 0.53 17.32 10.47
CA ARG B 224 0.18 16.19 9.62
C ARG B 224 1.25 16.05 8.55
N ASN B 225 1.54 14.81 8.16
CA ASN B 225 2.51 14.55 7.12
C ASN B 225 1.70 13.92 5.98
N VAL B 226 1.60 14.63 4.87
CA VAL B 226 0.82 14.18 3.73
C VAL B 226 1.32 12.87 3.10
N ALA B 227 2.62 12.60 3.17
CA ALA B 227 3.14 11.37 2.60
C ALA B 227 3.37 10.32 3.68
N ALA B 228 2.77 10.55 4.84
CA ALA B 228 2.88 9.65 5.99
C ALA B 228 2.74 8.16 5.66
N ASN B 229 1.80 7.81 4.79
CA ASN B 229 1.63 6.40 4.51
C ASN B 229 2.38 5.97 3.26
N LEU B 230 3.31 6.81 2.80
CA LEU B 230 4.11 6.46 1.62
C LEU B 230 5.25 5.62 2.14
N SER B 231 5.39 4.42 1.62
CA SER B 231 6.45 3.53 2.10
C SER B 231 7.84 3.92 1.61
N LEU B 232 8.84 3.52 2.38
CA LEU B 232 10.21 3.81 2.03
C LEU B 232 10.61 3.27 0.64
N ASP B 233 10.22 2.03 0.32
CA ASP B 233 10.59 1.48 -0.98
C ASP B 233 9.88 2.16 -2.14
N ASN B 234 8.63 2.56 -1.93
CA ASN B 234 7.87 3.23 -2.99
C ASN B 234 8.44 4.62 -3.24
N LEU B 235 9.00 5.23 -2.21
CA LEU B 235 9.63 6.54 -2.37
C LEU B 235 10.87 6.24 -3.21
N ALA B 236 11.64 5.23 -2.78
CA ALA B 236 12.85 4.79 -3.46
C ALA B 236 12.59 4.47 -4.93
N ARG B 237 11.48 3.78 -5.21
CA ARG B 237 11.12 3.43 -6.58
C ARG B 237 10.80 4.69 -7.40
N PHE B 238 10.23 5.69 -6.75
CA PHE B 238 9.89 6.92 -7.44
C PHE B 238 11.14 7.70 -7.81
N VAL B 239 12.04 7.86 -6.84
CA VAL B 239 13.26 8.57 -7.10
C VAL B 239 13.97 7.87 -8.27
N HIS B 240 14.00 6.54 -8.22
CA HIS B 240 14.65 5.83 -9.30
C HIS B 240 13.94 5.97 -10.64
N LEU B 241 12.62 6.10 -10.61
CA LEU B 241 11.87 6.25 -11.85
C LEU B 241 12.14 7.59 -12.50
N CYS B 242 12.29 8.63 -11.68
CA CYS B 242 12.54 9.96 -12.23
C CYS B 242 13.91 10.02 -12.86
N ARG B 243 14.92 9.49 -12.16
CA ARG B 243 16.27 9.48 -12.71
C ARG B 243 16.24 8.81 -14.09
N GLU B 244 15.49 7.71 -14.19
CA GLU B 244 15.39 7.00 -15.46
C GLU B 244 14.59 7.82 -16.49
N PHE B 245 13.47 8.38 -16.07
CA PHE B 245 12.66 9.13 -17.01
C PHE B 245 13.45 10.27 -17.65
N MET B 246 14.15 11.04 -16.83
CA MET B 246 14.95 12.15 -17.33
C MET B 246 16.11 11.68 -18.19
N GLU B 247 16.61 10.49 -17.91
CA GLU B 247 17.73 9.96 -18.66
C GLU B 247 17.27 9.40 -20.00
N ALA B 248 16.20 8.63 -19.99
CA ALA B 248 15.67 8.05 -21.20
C ALA B 248 14.15 8.25 -21.29
N PRO B 249 13.72 9.49 -21.52
CA PRO B 249 12.28 9.79 -21.61
C PRO B 249 11.59 8.77 -22.50
N SER B 250 10.39 8.37 -22.10
CA SER B 250 9.63 7.39 -22.87
C SER B 250 8.15 7.50 -22.54
N LEU B 251 7.31 7.47 -23.56
CA LEU B 251 5.88 7.56 -23.33
C LEU B 251 5.48 6.30 -22.57
N GLY B 252 6.36 5.31 -22.57
CA GLY B 252 6.11 4.05 -21.90
C GLY B 252 6.07 4.14 -20.39
N PHE B 253 6.32 5.32 -19.85
CA PHE B 253 6.29 5.49 -18.40
C PHE B 253 4.87 5.82 -17.93
N PHE B 254 3.98 6.15 -18.87
CA PHE B 254 2.61 6.48 -18.50
C PHE B 254 1.62 5.37 -18.83
N LYS B 255 2.13 4.25 -19.31
CA LYS B 255 1.28 3.12 -19.68
C LYS B 255 1.46 1.93 -18.74
N PRO B 256 0.34 1.34 -18.28
CA PRO B 256 0.40 0.19 -17.37
C PRO B 256 1.30 -0.89 -17.94
N LYS B 257 1.84 -1.73 -17.07
CA LYS B 257 2.72 -2.80 -17.53
C LYS B 257 1.90 -4.03 -17.91
N HIS B 258 2.35 -4.71 -18.97
CA HIS B 258 1.68 -5.92 -19.47
C HIS B 258 1.77 -7.00 -18.40
N PRO B 259 0.62 -7.51 -17.92
CA PRO B 259 0.57 -8.55 -16.89
C PRO B 259 1.61 -9.66 -17.06
N LEU B 260 1.88 -10.05 -18.30
CA LEU B 260 2.85 -11.11 -18.62
C LEU B 260 2.54 -12.44 -17.92
N GLU B 261 1.54 -13.15 -18.44
CA GLU B 261 1.13 -14.44 -17.87
C GLU B 261 2.08 -15.58 -18.27
N ILE B 262 3.29 -15.54 -17.73
CA ILE B 262 4.33 -16.54 -18.00
C ILE B 262 3.84 -17.98 -17.99
N GLU B 263 4.37 -18.79 -18.91
CA GLU B 263 4.01 -20.19 -19.03
C GLU B 263 4.51 -20.94 -17.79
N PRO B 264 3.60 -21.65 -17.09
CA PRO B 264 4.00 -22.40 -15.89
C PRO B 264 5.13 -23.38 -16.14
N GLU B 265 5.47 -23.59 -17.40
CA GLU B 265 6.56 -24.50 -17.75
C GLU B 265 7.91 -23.80 -17.60
N ARG B 266 7.98 -22.55 -18.04
CA ARG B 266 9.20 -21.77 -17.93
C ARG B 266 9.55 -21.50 -16.48
N LEU B 267 8.52 -21.44 -15.64
CA LEU B 267 8.71 -21.16 -14.23
C LEU B 267 9.38 -22.31 -13.51
N ARG B 268 8.85 -23.53 -13.67
CA ARG B 268 9.44 -24.68 -13.00
C ARG B 268 10.93 -24.73 -13.34
N LYS B 269 11.27 -24.45 -14.59
CA LYS B 269 12.67 -24.45 -15.00
C LYS B 269 13.47 -23.46 -14.17
N ILE B 270 13.02 -22.21 -14.16
CA ILE B 270 13.69 -21.17 -13.40
C ILE B 270 13.92 -21.57 -11.94
N VAL B 271 12.89 -22.12 -11.30
CA VAL B 271 13.04 -22.54 -9.91
C VAL B 271 14.08 -23.64 -9.80
N GLU B 272 14.21 -24.42 -10.85
CA GLU B 272 15.16 -25.51 -10.84
C GLU B 272 16.54 -24.88 -10.92
N GLU B 273 16.69 -23.95 -11.87
CA GLU B 273 17.93 -23.24 -12.09
C GLU B 273 18.39 -22.59 -10.79
N ARG B 274 17.45 -22.12 -9.98
CA ARG B 274 17.79 -21.48 -8.70
C ARG B 274 18.18 -22.48 -7.62
N GLY B 275 17.61 -23.69 -7.70
CA GLY B 275 17.93 -24.70 -6.71
C GLY B 275 17.43 -24.35 -5.32
N THR B 276 16.56 -23.36 -5.25
CA THR B 276 16.00 -22.92 -3.99
C THR B 276 14.76 -23.69 -3.62
N ALA B 277 14.15 -23.30 -2.51
CA ALA B 277 12.91 -23.91 -2.04
C ALA B 277 11.83 -22.85 -2.22
N VAL B 278 10.74 -23.19 -2.91
CA VAL B 278 9.65 -22.25 -3.15
C VAL B 278 8.32 -22.80 -2.62
N PHE B 279 7.71 -22.09 -1.68
CA PHE B 279 6.45 -22.55 -1.14
C PHE B 279 5.49 -21.46 -0.71
N ALA B 280 4.25 -21.85 -0.46
CA ALA B 280 3.24 -20.89 -0.04
C ALA B 280 2.35 -21.42 1.05
N VAL B 281 1.91 -20.52 1.91
CA VAL B 281 0.99 -20.87 2.97
C VAL B 281 -0.33 -20.36 2.41
N LYS B 282 -1.31 -21.25 2.32
CA LYS B 282 -2.62 -20.85 1.79
C LYS B 282 -3.65 -20.91 2.90
N PHE B 283 -4.67 -20.08 2.79
CA PHE B 283 -5.71 -20.05 3.80
C PHE B 283 -6.85 -19.22 3.25
N ARG B 284 -8.01 -19.31 3.90
CA ARG B 284 -9.18 -18.55 3.44
C ARG B 284 -9.06 -17.08 3.76
N LYS B 285 -9.42 -16.26 2.78
CA LYS B 285 -9.35 -14.83 2.97
C LYS B 285 -10.37 -14.36 3.99
N PRO B 286 -9.92 -13.66 5.05
CA PRO B 286 -10.87 -13.19 6.05
C PRO B 286 -11.80 -12.23 5.32
N ASP B 287 -13.07 -12.19 5.71
CA ASP B 287 -13.99 -11.28 5.05
C ASP B 287 -13.89 -9.87 5.65
N ILE B 288 -12.84 -9.16 5.26
CA ILE B 288 -12.58 -7.81 5.75
C ILE B 288 -12.10 -6.89 4.64
N VAL B 289 -12.06 -5.59 4.95
CA VAL B 289 -11.65 -4.55 4.02
C VAL B 289 -10.15 -4.57 3.69
N ASP B 290 -9.82 -4.29 2.44
CA ASP B 290 -8.43 -4.28 2.01
C ASP B 290 -7.52 -3.43 2.90
N ASP B 291 -8.08 -2.43 3.55
CA ASP B 291 -7.27 -1.61 4.43
C ASP B 291 -6.89 -2.36 5.68
N ASN B 292 -7.58 -3.45 5.93
CA ASN B 292 -7.28 -4.24 7.10
C ASN B 292 -6.54 -5.53 6.71
N LEU B 293 -6.88 -6.09 5.55
CA LEU B 293 -6.28 -7.33 5.07
C LEU B 293 -4.78 -7.20 4.75
N TYR B 294 -4.45 -6.21 3.93
CA TYR B 294 -3.07 -6.01 3.52
C TYR B 294 -2.08 -5.76 4.63
N PRO B 295 -2.39 -4.89 5.60
CA PRO B 295 -1.38 -4.71 6.63
C PRO B 295 -1.13 -6.04 7.35
N GLN B 296 -2.18 -6.85 7.42
CA GLN B 296 -2.10 -8.16 8.08
C GLN B 296 -1.24 -9.11 7.26
N LEU B 297 -1.53 -9.22 5.96
CA LEU B 297 -0.72 -10.09 5.11
C LEU B 297 0.76 -9.70 5.26
N GLU B 298 1.03 -8.40 5.34
CA GLU B 298 2.41 -7.94 5.49
C GLU B 298 2.98 -8.42 6.81
N ARG B 299 2.18 -8.38 7.86
CA ARG B 299 2.65 -8.81 9.16
C ARG B 299 2.90 -10.31 9.16
N ALA B 300 1.95 -11.06 8.63
CA ALA B 300 2.08 -12.51 8.57
C ALA B 300 3.28 -12.89 7.71
N SER B 301 3.29 -12.38 6.49
CA SER B 301 4.37 -12.65 5.58
C SER B 301 5.70 -12.32 6.25
N ARG B 302 5.69 -11.31 7.09
CA ARG B 302 6.91 -10.88 7.78
C ARG B 302 7.32 -11.81 8.92
N LYS B 303 6.36 -12.12 9.80
CA LYS B 303 6.63 -12.97 10.94
C LYS B 303 7.23 -14.31 10.51
N ILE B 304 6.64 -14.90 9.47
CA ILE B 304 7.09 -16.18 8.97
C ILE B 304 8.48 -16.06 8.31
N PHE B 305 8.76 -14.91 7.72
CA PHE B 305 10.07 -14.69 7.10
C PHE B 305 11.16 -14.75 8.16
N GLU B 306 10.92 -14.05 9.27
CA GLU B 306 11.86 -13.99 10.36
C GLU B 306 12.00 -15.33 11.09
N PHE B 307 10.92 -16.09 11.12
CA PHE B 307 11.00 -17.39 11.76
C PHE B 307 11.98 -18.20 10.91
N LEU B 308 11.88 -18.02 9.60
CA LEU B 308 12.76 -18.72 8.67
C LEU B 308 14.21 -18.26 8.81
N GLU B 309 14.49 -16.96 8.88
CA GLU B 309 15.88 -16.58 8.99
C GLU B 309 16.56 -17.00 10.28
N ARG B 310 15.88 -16.91 11.42
CA ARG B 310 16.53 -17.30 12.66
C ARG B 310 16.61 -18.81 12.74
N GLU B 311 15.73 -19.47 12.01
CA GLU B 311 15.69 -20.91 12.01
C GLU B 311 16.75 -21.47 11.05
N ASN B 312 17.42 -20.58 10.33
CA ASN B 312 18.50 -20.89 9.39
C ASN B 312 18.19 -21.38 7.98
N PHE B 313 17.02 -21.08 7.48
CA PHE B 313 16.70 -21.53 6.14
C PHE B 313 17.05 -20.49 5.08
N MET B 314 17.79 -19.46 5.50
CA MET B 314 18.21 -18.38 4.61
C MET B 314 17.14 -17.93 3.61
N PRO B 315 16.07 -17.28 4.10
CA PRO B 315 14.95 -16.80 3.28
C PRO B 315 15.44 -15.71 2.33
N LEU B 316 15.08 -15.83 1.04
CA LEU B 316 15.48 -14.81 0.08
C LEU B 316 14.50 -13.67 0.18
N ARG B 317 13.25 -13.93 -0.15
CA ARG B 317 12.24 -12.88 -0.09
C ARG B 317 10.87 -13.44 0.25
N SER B 318 9.94 -12.54 0.58
CA SER B 318 8.59 -12.96 0.87
C SER B 318 7.71 -12.19 -0.09
N ALA B 319 6.45 -12.61 -0.17
CA ALA B 319 5.47 -11.94 -1.04
C ALA B 319 4.10 -12.39 -0.58
N PHE B 320 3.04 -11.86 -1.17
CA PHE B 320 1.72 -12.30 -0.74
C PHE B 320 0.66 -11.95 -1.75
N LYS B 321 -0.35 -12.81 -1.84
CA LYS B 321 -1.41 -12.60 -2.79
C LYS B 321 -2.76 -12.88 -2.18
N ALA B 322 -3.70 -11.98 -2.44
CA ALA B 322 -5.04 -12.16 -1.93
C ALA B 322 -5.98 -12.16 -3.13
N SER B 323 -6.72 -13.25 -3.30
CA SER B 323 -7.70 -13.33 -4.37
C SER B 323 -9.06 -13.18 -3.69
N GLU B 324 -10.14 -13.57 -4.37
CA GLU B 324 -11.47 -13.47 -3.79
C GLU B 324 -11.62 -14.53 -2.69
N GLU B 325 -11.36 -15.78 -3.03
CA GLU B 325 -11.50 -16.88 -2.08
C GLU B 325 -10.34 -17.12 -1.12
N PHE B 326 -9.12 -17.22 -1.64
CA PHE B 326 -7.97 -17.49 -0.77
C PHE B 326 -6.90 -16.41 -0.71
N CYS B 327 -5.94 -16.62 0.18
CA CYS B 327 -4.79 -15.74 0.38
C CYS B 327 -3.54 -16.60 0.38
N TYR B 328 -2.47 -16.11 -0.21
CA TYR B 328 -1.22 -16.87 -0.26
C TYR B 328 -0.04 -16.07 0.25
N LEU B 329 0.76 -16.70 1.11
CA LEU B 329 1.97 -16.09 1.61
C LEU B 329 3.05 -16.83 0.84
N LEU B 330 3.79 -16.12 0.00
CA LEU B 330 4.86 -16.76 -0.77
C LEU B 330 6.25 -16.63 -0.12
N PHE B 331 7.11 -17.62 -0.36
CA PHE B 331 8.46 -17.60 0.19
C PHE B 331 9.44 -18.36 -0.69
N GLU B 332 10.71 -17.95 -0.64
CA GLU B 332 11.76 -18.63 -1.39
C GLU B 332 12.93 -18.77 -0.42
N CYS B 333 13.43 -19.99 -0.24
CA CYS B 333 14.55 -20.22 0.66
C CYS B 333 15.77 -20.87 -0.01
N GLN B 334 16.96 -20.43 0.40
CA GLN B 334 18.21 -20.96 -0.13
C GLN B 334 18.46 -22.36 0.39
N ILE B 335 17.70 -22.77 1.41
CA ILE B 335 17.89 -24.07 2.03
C ILE B 335 16.73 -25.06 1.93
N LYS B 336 16.79 -25.97 0.95
CA LYS B 336 15.75 -26.97 0.83
C LYS B 336 15.77 -27.89 2.05
N GLU B 337 16.97 -28.25 2.48
CA GLU B 337 17.13 -29.14 3.62
C GLU B 337 18.36 -28.83 4.46
N ILE B 338 18.22 -28.95 5.77
CA ILE B 338 19.34 -28.67 6.66
C ILE B 338 19.50 -29.88 7.57
N SER B 339 20.70 -30.10 8.09
CA SER B 339 20.95 -31.25 8.95
C SER B 339 20.13 -31.18 10.21
N ARG B 340 19.96 -32.33 10.87
CA ARG B 340 19.21 -32.37 12.09
C ARG B 340 20.06 -31.82 13.25
N VAL B 341 21.37 -32.10 13.26
CA VAL B 341 22.24 -31.57 14.34
C VAL B 341 22.74 -30.16 14.07
N PHE B 342 22.75 -29.34 15.13
CA PHE B 342 23.24 -27.96 15.05
C PHE B 342 23.98 -27.73 16.37
N ARG B 343 24.79 -26.68 16.45
CA ARG B 343 25.55 -26.41 17.67
C ARG B 343 24.99 -25.23 18.44
N ARG B 344 24.94 -25.38 19.76
CA ARG B 344 24.44 -24.33 20.64
C ARG B 344 25.58 -23.87 21.51
N MET B 345 25.67 -22.57 21.72
CA MET B 345 26.74 -22.01 22.53
C MET B 345 26.54 -22.08 24.04
N GLY B 346 27.46 -22.75 24.73
CA GLY B 346 27.38 -22.86 26.17
C GLY B 346 28.22 -21.81 26.89
N PRO B 347 28.35 -21.93 28.23
CA PRO B 347 29.12 -21.04 29.10
C PRO B 347 30.64 -21.17 28.93
N GLN B 348 31.40 -20.17 29.35
CA GLN B 348 32.85 -20.22 29.23
C GLN B 348 33.33 -21.28 30.21
N PHE B 349 34.48 -21.90 29.94
CA PHE B 349 34.99 -22.97 30.81
C PHE B 349 35.19 -22.53 32.25
N GLU B 350 35.46 -21.23 32.41
CA GLU B 350 35.71 -20.62 33.71
C GLU B 350 34.71 -20.90 34.85
N ASP B 351 33.42 -20.58 34.68
CA ASP B 351 32.51 -20.80 35.80
C ASP B 351 31.87 -22.17 35.85
N GLU B 352 32.35 -22.99 36.76
CA GLU B 352 31.85 -24.35 36.89
C GLU B 352 30.36 -24.41 37.16
N ARG B 353 29.81 -23.37 37.78
CA ARG B 353 28.38 -23.34 38.07
C ARG B 353 27.55 -23.50 36.78
N ASN B 354 27.64 -22.52 35.88
CA ASN B 354 26.88 -22.61 34.65
C ASN B 354 27.26 -23.80 33.79
N VAL B 355 28.55 -24.14 33.77
CA VAL B 355 29.00 -25.29 33.00
C VAL B 355 28.28 -26.55 33.50
N LYS B 356 28.19 -26.69 34.81
CA LYS B 356 27.55 -27.85 35.45
C LYS B 356 26.10 -27.99 34.99
N LYS B 357 25.36 -26.89 34.97
CA LYS B 357 23.97 -26.95 34.54
C LYS B 357 23.88 -27.24 33.03
N PHE B 358 24.82 -26.71 32.25
CA PHE B 358 24.83 -26.92 30.81
C PHE B 358 25.23 -28.36 30.47
N LEU B 359 26.14 -28.93 31.25
CA LEU B 359 26.60 -30.30 31.03
C LEU B 359 25.68 -31.29 31.74
N SER B 360 24.58 -30.83 32.32
CA SER B 360 23.69 -31.74 33.04
C SER B 360 22.45 -32.13 32.23
N ARG B 361 22.37 -31.66 31.00
CA ARG B 361 21.22 -31.98 30.19
C ARG B 361 21.35 -33.19 29.30
N ASN B 362 20.32 -34.02 29.37
CA ASN B 362 20.17 -35.25 28.60
C ASN B 362 20.45 -34.92 27.13
N ARG B 363 21.60 -35.34 26.61
CA ARG B 363 21.94 -35.05 25.22
C ARG B 363 22.36 -36.30 24.43
N ALA B 364 22.04 -36.34 23.15
CA ALA B 364 22.39 -37.50 22.31
C ALA B 364 23.90 -37.62 22.11
N PHE B 365 24.56 -36.49 21.88
CA PHE B 365 26.01 -36.49 21.67
C PHE B 365 26.72 -35.68 22.77
N ARG B 366 28.00 -36.00 22.97
CA ARG B 366 28.82 -35.35 23.98
C ARG B 366 29.26 -33.93 23.60
N PRO B 367 28.99 -32.96 24.49
CA PRO B 367 29.39 -31.57 24.19
C PRO B 367 30.92 -31.43 24.25
N PHE B 368 31.44 -30.37 23.67
CA PHE B 368 32.88 -30.18 23.61
C PHE B 368 33.31 -28.75 23.88
N ILE B 369 34.61 -28.57 24.07
CA ILE B 369 35.19 -27.26 24.34
C ILE B 369 35.87 -26.77 23.07
N GLU B 370 35.61 -25.50 22.74
CA GLU B 370 36.18 -24.85 21.56
C GLU B 370 36.46 -23.39 21.90
N ASN B 371 37.69 -22.98 21.67
CA ASN B 371 38.09 -21.61 21.93
C ASN B 371 37.65 -21.10 23.28
N GLY B 372 37.80 -21.92 24.31
CA GLY B 372 37.47 -21.48 25.66
C GLY B 372 36.08 -21.66 26.23
N ARG B 373 35.07 -21.89 25.39
CA ARG B 373 33.74 -22.07 25.95
C ARG B 373 33.15 -23.38 25.51
N TRP B 374 32.16 -23.87 26.25
CA TRP B 374 31.53 -25.12 25.90
C TRP B 374 30.44 -24.95 24.86
N TRP B 375 30.22 -26.02 24.10
CA TRP B 375 29.20 -26.04 23.06
C TRP B 375 28.66 -27.44 23.09
N ALA B 376 27.43 -27.58 22.61
CA ALA B 376 26.80 -28.89 22.55
C ALA B 376 26.15 -29.10 21.20
N PHE B 377 26.06 -30.36 20.77
CA PHE B 377 25.42 -30.69 19.52
C PHE B 377 23.98 -30.92 19.92
N GLU B 378 23.04 -30.68 19.01
CA GLU B 378 21.64 -30.90 19.31
C GLU B 378 20.80 -31.19 18.09
N MET B 379 19.62 -31.75 18.33
CA MET B 379 18.73 -32.11 17.24
C MET B 379 17.64 -31.07 17.01
N ARG B 380 17.26 -30.90 15.75
CA ARG B 380 16.19 -29.97 15.38
C ARG B 380 14.89 -30.74 15.37
N LYS B 381 13.76 -30.03 15.48
CA LYS B 381 12.46 -30.69 15.46
C LYS B 381 11.93 -30.74 14.02
N PHE B 382 12.65 -30.08 13.10
CA PHE B 382 12.28 -30.06 11.68
C PHE B 382 13.50 -29.73 10.83
N THR B 383 13.56 -30.26 9.61
CA THR B 383 14.72 -29.99 8.74
C THR B 383 14.47 -29.33 7.37
N THR B 384 13.23 -29.00 7.05
CA THR B 384 12.96 -28.31 5.79
C THR B 384 12.19 -27.05 6.11
N PRO B 385 12.23 -26.06 5.21
CA PRO B 385 11.50 -24.80 5.45
C PRO B 385 10.01 -25.08 5.69
N GLU B 386 9.40 -25.80 4.75
CA GLU B 386 7.99 -26.16 4.84
C GLU B 386 7.65 -26.83 6.18
N GLU B 387 8.50 -27.76 6.63
CA GLU B 387 8.23 -28.37 7.92
C GLU B 387 8.15 -27.28 8.99
N GLY B 388 9.11 -26.37 8.98
CA GLY B 388 9.16 -25.30 9.97
C GLY B 388 7.93 -24.39 9.98
N VAL B 389 7.52 -23.95 8.79
CA VAL B 389 6.36 -23.09 8.72
C VAL B 389 5.08 -23.83 9.17
N ARG B 390 5.04 -25.15 8.93
CA ARG B 390 3.89 -25.96 9.33
C ARG B 390 3.80 -25.95 10.84
N SER B 391 4.94 -26.09 11.50
CA SER B 391 4.95 -26.08 12.95
C SER B 391 4.60 -24.67 13.43
N TYR B 392 5.38 -23.69 12.97
CA TYR B 392 5.22 -22.28 13.32
C TYR B 392 3.80 -21.71 13.11
N ALA B 393 3.27 -21.86 11.91
CA ALA B 393 1.93 -21.36 11.61
C ALA B 393 0.88 -22.02 12.50
N SER B 394 0.99 -23.34 12.73
CA SER B 394 0.02 -24.08 13.56
C SER B 394 0.08 -23.67 15.01
N THR B 395 1.28 -23.39 15.47
CA THR B 395 1.47 -23.04 16.87
C THR B 395 1.51 -21.54 17.16
N HIS B 396 1.56 -20.71 16.13
CA HIS B 396 1.60 -19.26 16.33
C HIS B 396 0.56 -18.54 15.48
N TRP B 397 -0.45 -19.26 15.02
CA TRP B 397 -1.51 -18.69 14.20
C TRP B 397 -1.90 -17.31 14.70
N HIS B 398 -1.86 -17.11 16.02
CA HIS B 398 -2.16 -15.79 16.58
C HIS B 398 -0.97 -14.99 16.05
N THR B 399 -0.57 -13.90 16.71
CA THR B 399 0.61 -13.14 16.23
C THR B 399 0.82 -13.05 14.71
N LEU B 400 -0.22 -13.28 13.91
CA LEU B 400 -0.09 -13.22 12.46
C LEU B 400 -1.24 -12.41 11.89
N GLY B 401 -1.73 -11.49 12.69
CA GLY B 401 -2.85 -10.67 12.28
C GLY B 401 -4.04 -11.17 13.07
N LYS B 402 -4.92 -10.25 13.49
CA LYS B 402 -6.10 -10.63 14.23
C LYS B 402 -6.94 -11.57 13.40
N ASN B 403 -7.35 -11.11 12.23
CA ASN B 403 -8.20 -11.89 11.34
C ASN B 403 -7.40 -12.94 10.58
N VAL B 404 -6.35 -12.48 9.91
CA VAL B 404 -5.49 -13.37 9.14
C VAL B 404 -5.10 -14.55 10.04
N GLY B 405 -4.61 -14.24 11.23
CA GLY B 405 -4.22 -15.30 12.14
C GLY B 405 -5.35 -16.25 12.49
N GLU B 406 -6.53 -15.68 12.78
CA GLU B 406 -7.69 -16.47 13.14
C GLU B 406 -8.12 -17.38 11.99
N SER B 407 -7.83 -16.98 10.76
CA SER B 407 -8.20 -17.80 9.62
C SER B 407 -7.23 -18.98 9.49
N ILE B 408 -5.96 -18.72 9.77
CA ILE B 408 -4.93 -19.75 9.70
C ILE B 408 -5.16 -20.83 10.77
N ARG B 409 -5.67 -20.43 11.93
CA ARG B 409 -5.93 -21.37 13.02
C ARG B 409 -6.94 -22.43 12.61
N GLU B 410 -7.96 -22.03 11.86
CA GLU B 410 -8.98 -22.97 11.46
C GLU B 410 -8.65 -23.75 10.20
N TYR B 411 -7.77 -23.19 9.38
CA TYR B 411 -7.38 -23.85 8.16
C TYR B 411 -6.21 -23.21 7.46
N PHE B 412 -5.28 -24.03 6.99
CA PHE B 412 -4.13 -23.55 6.25
C PHE B 412 -3.37 -24.76 5.73
N GLU B 413 -2.61 -24.57 4.67
CA GLU B 413 -1.82 -25.67 4.12
C GLU B 413 -0.58 -25.11 3.41
N ILE B 414 0.39 -25.98 3.19
CA ILE B 414 1.60 -25.56 2.51
C ILE B 414 1.68 -26.20 1.12
N ILE B 415 1.72 -25.35 0.10
CA ILE B 415 1.81 -25.82 -1.26
C ILE B 415 3.23 -25.61 -1.78
N SER B 416 3.74 -26.62 -2.47
CA SER B 416 5.09 -26.56 -3.01
C SER B 416 5.23 -27.32 -4.32
N GLY B 417 6.23 -26.97 -5.11
CA GLY B 417 6.45 -27.65 -6.37
C GLY B 417 5.36 -27.46 -7.42
N GLU B 418 5.23 -28.45 -8.30
CA GLU B 418 4.25 -28.40 -9.39
C GLU B 418 2.91 -27.86 -8.90
N LYS B 419 2.41 -28.44 -7.81
CA LYS B 419 1.13 -28.03 -7.25
C LYS B 419 0.99 -26.51 -7.03
N LEU B 420 2.12 -25.82 -6.83
CA LEU B 420 2.07 -24.38 -6.59
C LEU B 420 1.98 -23.52 -7.84
N PHE B 421 2.69 -23.91 -8.90
CA PHE B 421 2.67 -23.17 -10.17
C PHE B 421 1.29 -23.22 -10.80
N LYS B 422 0.43 -24.07 -10.25
CA LYS B 422 -0.93 -24.22 -10.77
C LYS B 422 -1.87 -23.30 -10.00
N GLU B 423 -1.34 -22.72 -8.93
CA GLU B 423 -2.08 -21.77 -8.10
C GLU B 423 -1.94 -20.40 -8.76
N PRO B 424 -2.86 -19.47 -8.47
CA PRO B 424 -2.86 -18.11 -9.03
C PRO B 424 -1.75 -17.18 -8.52
N VAL B 425 -0.61 -17.73 -8.13
CA VAL B 425 0.43 -16.86 -7.61
C VAL B 425 1.67 -16.68 -8.47
N THR B 426 1.61 -17.05 -9.74
CA THR B 426 2.77 -16.96 -10.61
C THR B 426 3.34 -15.56 -10.89
N ALA B 427 2.46 -14.59 -11.11
CA ALA B 427 2.94 -13.26 -11.40
C ALA B 427 3.71 -12.74 -10.20
N GLU B 428 3.19 -13.01 -9.01
CA GLU B 428 3.86 -12.57 -7.80
C GLU B 428 5.19 -13.32 -7.66
N LEU B 429 5.19 -14.62 -7.93
CA LEU B 429 6.40 -15.42 -7.84
C LEU B 429 7.49 -14.94 -8.80
N CYS B 430 7.09 -14.53 -10.00
CA CYS B 430 8.08 -14.04 -10.96
C CYS B 430 8.63 -12.70 -10.46
N GLU B 431 7.71 -11.83 -10.03
CA GLU B 431 8.06 -10.52 -9.52
C GLU B 431 9.08 -10.66 -8.39
N MET B 432 8.81 -11.62 -7.52
CA MET B 432 9.63 -11.89 -6.36
C MET B 432 11.03 -12.36 -6.71
N MET B 433 11.14 -13.28 -7.66
CA MET B 433 12.45 -13.81 -8.03
C MET B 433 13.16 -12.90 -9.03
N GLY B 434 12.47 -11.86 -9.48
CA GLY B 434 13.10 -10.97 -10.43
C GLY B 434 13.32 -11.68 -11.75
N VAL B 435 12.34 -12.48 -12.16
CA VAL B 435 12.41 -13.16 -13.44
C VAL B 435 12.26 -12.02 -14.45
N LYS B 436 13.09 -12.00 -15.48
CA LYS B 436 12.95 -10.91 -16.45
C LYS B 436 12.47 -11.37 -17.82
N ASP B 437 11.49 -10.64 -18.35
CA ASP B 437 10.90 -10.91 -19.66
C ASP B 437 9.53 -10.23 -19.74
S SO4 C . -8.46 10.90 -9.16
O1 SO4 C . -9.81 11.61 -9.23
O2 SO4 C . -7.37 11.95 -9.31
O3 SO4 C . -8.35 10.36 -7.85
O4 SO4 C . -8.40 10.15 -10.36
S SO4 D . 6.31 -8.07 16.63
O1 SO4 D . 5.59 -6.75 16.42
O2 SO4 D . 7.77 -7.75 16.93
O3 SO4 D . 5.77 -8.66 17.82
O4 SO4 D . 6.33 -8.69 15.36
#